data_6B5D
#
_entry.id   6B5D
#
_cell.length_a   98.830
_cell.length_b   98.830
_cell.length_c   75.080
_cell.angle_alpha   90.000
_cell.angle_beta   90.000
_cell.angle_gamma   120.000
#
_symmetry.space_group_name_H-M   'P 65'
#
loop_
_entity.id
_entity.type
_entity.pdbx_description
1 polymer 'Meiotic spindle formation protein mei-1'
2 non-polymer "ADENOSINE-5'-DIPHOSPHATE"
#
_entity_poly.entity_id   1
_entity_poly.type   'polypeptide(L)'
_entity_poly.pdbx_seq_one_letter_code
;SFDASAYDAYIVQAVRGT(MSE)ATNTENT(MSE)SLDDIIG(MSE)HDVKQVLHEAVTLPLLVPEFFQGLRSPWKA
(MSE)VLAGPPGTGKTLIARAIASESSSTFFTVSSTDLSSKWRGDSEKIVRLLFELARFYAPSIIFIDEIDTLGGQRGNS
GEHEASRRVKSEFLVQ(MSE)DGSQNKFDSRRVFVLAATNIPWELDEALRRRFEKRIFIPLPDIDARKKLIEKS(MSE)E
GTPKSDEINYDDLAARTEGFSGADVVSLCRTAAINVLRRYDTKSLRGGELTAA(MSE)ESLKAELVRNIDFEAALQAVSP
SAGPDT(MSE)LKCKEWCDSFGA(MSE)
;
_entity_poly.pdbx_strand_id   A
#
# COMPACT_ATOMS: atom_id res chain seq x y z
N SER A 1 12.33 9.05 20.83
CA SER A 1 11.90 7.92 21.64
C SER A 1 12.77 6.70 21.39
N PHE A 2 13.89 6.90 20.72
CA PHE A 2 15.06 6.04 20.88
C PHE A 2 15.90 6.47 22.10
N ASP A 3 16.35 7.72 22.08
CA ASP A 3 17.18 8.25 23.16
C ASP A 3 16.59 9.53 23.72
N ALA A 4 16.58 10.60 22.92
CA ALA A 4 16.08 11.89 23.39
C ALA A 4 15.75 12.76 22.19
N SER A 5 14.48 13.08 22.00
CA SER A 5 14.07 13.98 20.93
C SER A 5 12.75 14.62 21.34
N ALA A 6 12.77 15.93 21.63
CA ALA A 6 11.58 16.66 22.00
C ALA A 6 11.61 18.04 21.35
N TYR A 7 10.45 18.50 20.89
CA TYR A 7 10.35 19.80 20.24
C TYR A 7 8.91 20.28 20.36
N ASP A 8 8.72 21.47 20.94
CA ASP A 8 7.38 21.95 21.24
C ASP A 8 6.57 22.18 19.97
N ALA A 9 5.35 21.62 19.97
CA ALA A 9 4.34 21.79 18.93
C ALA A 9 3.19 20.81 19.18
N TYR A 10 2.00 21.10 18.66
CA TYR A 10 0.93 20.12 18.58
C TYR A 10 1.04 19.25 17.35
N ILE A 11 2.10 19.42 16.57
CA ILE A 11 2.28 18.66 15.34
C ILE A 11 2.79 17.24 15.62
N VAL A 12 3.48 17.05 16.76
CA VAL A 12 3.99 15.74 17.14
C VAL A 12 2.87 14.69 17.14
N GLN A 13 1.63 15.14 17.33
CA GLN A 13 0.47 14.26 17.20
C GLN A 13 0.49 13.52 15.86
N ALA A 14 0.43 14.27 14.76
CA ALA A 14 0.28 13.64 13.45
C ALA A 14 1.51 12.83 13.05
N VAL A 15 2.71 13.38 13.30
CA VAL A 15 3.94 12.72 12.87
C VAL A 15 4.08 11.36 13.54
N ARG A 16 3.90 11.31 14.86
CA ARG A 16 3.92 10.04 15.58
C ARG A 16 2.75 9.15 15.20
N GLY A 17 1.65 9.73 14.69
CA GLY A 17 0.55 8.92 14.21
C GLY A 17 0.84 8.23 12.89
N THR A 18 1.78 8.77 12.11
CA THR A 18 2.21 8.14 10.87
C THR A 18 3.45 7.28 11.04
N ALA A 20 5.98 4.29 12.53
CA ALA A 20 5.90 2.91 13.01
C ALA A 20 7.33 2.41 13.18
N THR A 21 7.79 2.30 14.43
CA THR A 21 9.13 1.79 14.67
C THR A 21 9.26 0.35 14.19
N ASN A 22 10.51 -0.09 14.02
CA ASN A 22 10.77 -1.44 13.57
C ASN A 22 10.16 -2.49 14.50
N THR A 23 9.78 -2.09 15.71
CA THR A 23 9.06 -2.98 16.62
C THR A 23 7.58 -3.04 16.31
N GLU A 24 6.97 -1.90 15.98
CA GLU A 24 5.52 -1.82 15.83
C GLU A 24 5.03 -2.71 14.70
N ASN A 25 5.62 -2.57 13.50
CA ASN A 25 5.18 -3.35 12.34
C ASN A 25 6.01 -4.63 12.28
N THR A 26 5.40 -5.73 12.72
CA THR A 26 5.96 -7.07 12.55
C THR A 26 5.68 -7.66 11.16
N SER A 28 5.85 -8.95 7.22
CA SER A 28 6.75 -9.89 6.57
C SER A 28 6.64 -9.71 5.06
N LEU A 29 7.80 -9.78 4.39
CA LEU A 29 7.80 -9.80 2.93
C LEU A 29 7.09 -11.02 2.38
N ASP A 30 7.01 -12.09 3.19
CA ASP A 30 6.29 -13.30 2.81
C ASP A 30 4.79 -13.19 3.08
N ASP A 31 4.31 -12.05 3.56
CA ASP A 31 2.89 -11.78 3.67
C ASP A 31 2.35 -11.03 2.44
N ILE A 32 3.09 -11.10 1.33
CA ILE A 32 2.69 -10.49 0.06
C ILE A 32 2.53 -11.61 -0.96
N ILE A 33 1.57 -11.47 -1.85
CA ILE A 33 1.31 -12.46 -2.89
C ILE A 33 1.94 -11.95 -4.18
N GLY A 34 2.98 -12.65 -4.64
CA GLY A 34 3.64 -12.28 -5.87
C GLY A 34 4.64 -11.15 -5.72
N HIS A 36 7.50 -10.77 -7.16
CA HIS A 36 8.85 -11.30 -7.01
C HIS A 36 9.89 -10.26 -7.41
N ASP A 37 9.74 -9.70 -8.61
CA ASP A 37 10.73 -8.73 -9.09
C ASP A 37 10.70 -7.44 -8.29
N VAL A 38 9.53 -7.05 -7.77
CA VAL A 38 9.44 -5.82 -7.00
C VAL A 38 10.07 -6.03 -5.62
N LYS A 39 9.81 -7.19 -4.99
CA LYS A 39 10.51 -7.51 -3.75
C LYS A 39 12.01 -7.58 -3.97
N GLN A 40 12.42 -8.18 -5.08
CA GLN A 40 13.85 -8.31 -5.39
C GLN A 40 14.51 -6.94 -5.50
N VAL A 41 13.84 -5.98 -6.12
CA VAL A 41 14.41 -4.65 -6.28
C VAL A 41 14.54 -3.96 -4.94
N LEU A 42 13.46 -3.87 -4.18
CA LEU A 42 13.49 -3.16 -2.91
C LEU A 42 14.39 -3.85 -1.90
N HIS A 43 14.51 -5.17 -1.98
CA HIS A 43 15.43 -5.89 -1.10
C HIS A 43 16.88 -5.46 -1.37
N GLU A 44 17.26 -5.43 -2.65
CA GLU A 44 18.62 -5.04 -2.99
C GLU A 44 18.86 -3.56 -2.79
N ALA A 45 17.81 -2.74 -2.86
CA ALA A 45 17.98 -1.29 -2.78
C ALA A 45 17.87 -0.76 -1.37
N VAL A 46 17.28 -1.50 -0.45
CA VAL A 46 17.03 -1.01 0.91
C VAL A 46 17.66 -1.93 1.93
N THR A 47 17.32 -3.23 1.87
CA THR A 47 17.75 -4.16 2.90
C THR A 47 19.25 -4.46 2.79
N LEU A 48 19.69 -4.93 1.62
CA LEU A 48 21.08 -5.30 1.44
C LEU A 48 22.08 -4.17 1.71
N PRO A 49 21.84 -2.91 1.29
CA PRO A 49 22.81 -1.85 1.63
C PRO A 49 22.94 -1.59 3.11
N LEU A 50 21.96 -1.96 3.92
CA LEU A 50 22.04 -1.81 5.36
C LEU A 50 22.74 -2.97 6.04
N LEU A 51 22.70 -4.16 5.44
CA LEU A 51 23.37 -5.33 5.99
C LEU A 51 24.82 -5.46 5.52
N VAL A 52 25.11 -5.01 4.30
CA VAL A 52 26.46 -5.10 3.76
C VAL A 52 26.90 -3.70 3.32
N PRO A 53 27.04 -2.74 4.23
CA PRO A 53 27.36 -1.37 3.79
C PRO A 53 28.74 -1.23 3.19
N GLU A 54 29.70 -2.09 3.56
CA GLU A 54 31.01 -2.05 2.92
C GLU A 54 30.91 -2.27 1.42
N PHE A 55 29.95 -3.09 0.99
CA PHE A 55 29.76 -3.36 -0.43
C PHE A 55 29.00 -2.25 -1.13
N PHE A 56 28.08 -1.59 -0.45
CA PHE A 56 27.18 -0.63 -1.08
C PHE A 56 27.64 0.80 -0.78
N GLN A 57 28.78 1.15 -1.35
CA GLN A 57 29.32 2.50 -1.26
C GLN A 57 30.10 2.78 -2.54
N GLY A 58 30.46 4.05 -2.72
CA GLY A 58 31.19 4.43 -3.92
C GLY A 58 30.31 4.27 -5.14
N LEU A 59 30.81 3.53 -6.13
CA LEU A 59 30.02 3.24 -7.33
C LEU A 59 28.78 2.41 -7.01
N ARG A 60 28.73 1.79 -5.84
CA ARG A 60 27.56 1.04 -5.39
C ARG A 60 26.77 1.80 -4.33
N SER A 61 26.80 3.13 -4.40
CA SER A 61 26.03 3.93 -3.45
C SER A 61 24.54 3.61 -3.62
N PRO A 62 23.81 3.39 -2.53
CA PRO A 62 22.40 3.02 -2.66
C PRO A 62 21.53 4.21 -3.07
N TRP A 63 20.41 3.90 -3.70
CA TRP A 63 19.43 4.92 -4.03
C TRP A 63 18.79 5.47 -2.76
N LYS A 64 18.58 6.79 -2.74
CA LYS A 64 17.93 7.45 -1.61
C LYS A 64 16.44 7.65 -1.82
N ALA A 65 15.97 7.71 -3.06
CA ALA A 65 14.57 7.94 -3.36
C ALA A 65 14.13 7.01 -4.48
N VAL A 67 10.25 5.59 -6.62
CA VAL A 67 8.83 5.80 -6.85
C VAL A 67 8.23 4.50 -7.38
N LEU A 68 7.11 4.08 -6.79
CA LEU A 68 6.37 2.91 -7.22
C LEU A 68 5.15 3.37 -8.01
N ALA A 69 5.07 2.97 -9.27
CA ALA A 69 3.99 3.38 -10.14
C ALA A 69 3.21 2.16 -10.59
N GLY A 70 1.89 2.22 -10.47
CA GLY A 70 1.03 1.13 -10.87
C GLY A 70 -0.43 1.45 -10.61
N PRO A 71 -1.31 0.60 -11.13
CA PRO A 71 -2.75 0.79 -10.89
C PRO A 71 -3.06 0.75 -9.40
N PRO A 72 -4.22 1.26 -9.00
CA PRO A 72 -4.52 1.32 -7.56
C PRO A 72 -4.74 -0.06 -6.98
N GLY A 73 -4.47 -0.17 -5.67
CA GLY A 73 -4.68 -1.42 -4.96
C GLY A 73 -3.74 -2.55 -5.35
N THR A 74 -2.60 -2.22 -5.95
CA THR A 74 -1.63 -3.24 -6.37
C THR A 74 -0.67 -3.65 -5.26
N GLY A 75 -0.67 -2.97 -4.13
CA GLY A 75 0.18 -3.32 -3.02
C GLY A 75 1.41 -2.47 -2.81
N LYS A 76 1.39 -1.22 -3.25
CA LYS A 76 2.56 -0.36 -3.10
C LYS A 76 2.79 0.02 -1.64
N THR A 77 1.72 0.17 -0.86
CA THR A 77 1.87 0.48 0.56
C THR A 77 2.29 -0.76 1.35
N LEU A 78 1.73 -1.92 1.00
CA LEU A 78 2.13 -3.17 1.63
C LEU A 78 3.63 -3.40 1.48
N ILE A 79 4.11 -3.41 0.24
CA ILE A 79 5.52 -3.66 -0.04
C ILE A 79 6.40 -2.58 0.60
N ALA A 80 5.85 -1.38 0.80
CA ALA A 80 6.61 -0.33 1.46
C ALA A 80 6.83 -0.67 2.93
N ARG A 81 5.80 -1.16 3.61
CA ARG A 81 5.94 -1.57 5.01
C ARG A 81 6.66 -2.90 5.14
N ALA A 82 6.49 -3.80 4.17
CA ALA A 82 7.12 -5.10 4.25
C ALA A 82 8.64 -5.01 4.09
N ILE A 83 9.10 -4.12 3.21
CA ILE A 83 10.53 -3.91 3.06
C ILE A 83 11.11 -3.10 4.21
N ALA A 84 10.29 -2.32 4.91
CA ALA A 84 10.76 -1.61 6.10
C ALA A 84 10.89 -2.55 7.28
N SER A 85 10.09 -3.62 7.31
CA SER A 85 10.21 -4.60 8.38
C SER A 85 11.41 -5.51 8.15
N GLU A 86 11.66 -5.92 6.90
CA GLU A 86 12.79 -6.78 6.59
C GLU A 86 14.13 -6.09 6.84
N SER A 87 14.16 -4.76 6.81
CA SER A 87 15.41 -4.01 6.92
C SER A 87 15.50 -3.20 8.21
N SER A 88 14.68 -3.52 9.21
CA SER A 88 14.68 -2.84 10.51
C SER A 88 14.55 -1.33 10.36
N SER A 89 13.68 -0.93 9.43
CA SER A 89 13.51 0.47 9.07
C SER A 89 12.31 1.06 9.80
N THR A 90 12.49 2.23 10.40
CA THR A 90 11.37 2.98 10.94
C THR A 90 10.49 3.47 9.80
N PHE A 91 9.20 3.18 9.88
CA PHE A 91 8.28 3.43 8.78
C PHE A 91 7.49 4.72 9.00
N PHE A 92 7.36 5.50 7.94
CA PHE A 92 6.54 6.71 7.92
C PHE A 92 5.60 6.63 6.73
N THR A 93 4.30 6.66 6.99
CA THR A 93 3.28 6.62 5.96
C THR A 93 2.64 7.99 5.85
N VAL A 94 2.76 8.62 4.68
CA VAL A 94 2.29 9.99 4.48
C VAL A 94 1.61 10.07 3.12
N SER A 95 0.29 10.23 3.13
CA SER A 95 -0.45 10.48 1.90
C SER A 95 -0.29 11.93 1.49
N SER A 96 -0.16 12.15 0.17
CA SER A 96 0.04 13.51 -0.33
C SER A 96 -1.18 14.37 -0.07
N THR A 97 -2.37 13.83 -0.32
CA THR A 97 -3.60 14.60 -0.13
C THR A 97 -3.80 14.95 1.35
N ASP A 98 -3.59 13.97 2.24
CA ASP A 98 -3.81 14.20 3.66
C ASP A 98 -2.98 15.35 4.19
N LEU A 99 -1.83 15.63 3.56
CA LEU A 99 -1.05 16.81 3.94
C LEU A 99 -1.76 18.10 3.55
N SER A 100 -2.26 18.15 2.31
CA SER A 100 -2.90 19.38 1.83
C SER A 100 -4.11 19.75 2.66
N SER A 101 -4.73 18.78 3.32
CA SER A 101 -5.86 19.04 4.21
C SER A 101 -5.41 19.35 5.63
N LYS A 102 -4.35 18.70 6.10
CA LYS A 102 -3.84 18.92 7.44
C LYS A 102 -2.92 20.13 7.50
N SER A 107 0.83 22.28 7.76
CA SER A 107 1.24 21.10 6.99
C SER A 107 2.75 21.12 6.75
N GLU A 108 3.29 22.30 6.47
CA GLU A 108 4.73 22.44 6.25
C GLU A 108 5.51 22.07 7.51
N LYS A 109 4.94 22.33 8.68
CA LYS A 109 5.61 22.00 9.93
C LYS A 109 5.67 20.49 10.17
N ILE A 110 4.81 19.72 9.48
CA ILE A 110 4.87 18.27 9.58
C ILE A 110 6.05 17.73 8.80
N VAL A 111 6.19 18.16 7.54
CA VAL A 111 7.24 17.65 6.66
C VAL A 111 8.61 17.85 7.27
N ARG A 112 8.86 19.03 7.84
CA ARG A 112 10.11 19.28 8.53
C ARG A 112 10.35 18.23 9.60
N LEU A 113 9.42 18.12 10.55
CA LEU A 113 9.56 17.13 11.62
C LEU A 113 9.58 15.72 11.06
N LEU A 114 8.80 15.46 10.00
CA LEU A 114 8.79 14.13 9.39
C LEU A 114 10.19 13.70 9.00
N PHE A 115 10.90 14.56 8.27
CA PHE A 115 12.27 14.23 7.86
C PHE A 115 13.23 14.29 9.04
N GLU A 116 13.16 15.37 9.83
CA GLU A 116 14.01 15.49 11.01
C GLU A 116 13.87 14.29 11.92
N LEU A 117 12.65 13.79 12.10
CA LEU A 117 12.42 12.63 12.95
C LEU A 117 12.79 11.33 12.23
N ALA A 118 12.63 11.29 10.91
CA ALA A 118 13.07 10.11 10.15
C ALA A 118 14.58 9.96 10.21
N ARG A 119 15.31 11.07 10.07
CA ARG A 119 16.77 11.03 10.24
C ARG A 119 17.15 10.66 11.66
N PHE A 120 16.33 11.04 12.64
CA PHE A 120 16.62 10.72 14.03
C PHE A 120 16.61 9.22 14.27
N TYR A 121 15.79 8.47 13.53
CA TYR A 121 15.64 7.03 13.75
C TYR A 121 16.43 6.25 12.71
N ALA A 122 17.76 6.36 12.81
CA ALA A 122 18.75 5.49 12.20
C ALA A 122 18.35 5.18 10.74
N PRO A 123 18.24 3.93 10.26
CA PRO A 123 17.60 3.80 8.93
C PRO A 123 16.08 3.81 9.04
N SER A 124 15.44 4.70 8.27
CA SER A 124 13.99 4.84 8.26
C SER A 124 13.52 5.05 6.83
N ILE A 125 12.25 4.70 6.59
CA ILE A 125 11.64 4.80 5.27
C ILE A 125 10.44 5.73 5.35
N ILE A 126 10.42 6.73 4.48
CA ILE A 126 9.32 7.68 4.38
C ILE A 126 8.52 7.31 3.13
N PHE A 127 7.31 6.81 3.33
CA PHE A 127 6.45 6.41 2.23
C PHE A 127 5.49 7.55 1.91
N ILE A 128 5.38 7.89 0.63
CA ILE A 128 4.53 8.98 0.16
C ILE A 128 3.58 8.42 -0.88
N ASP A 129 2.29 8.46 -0.57
CA ASP A 129 1.27 7.92 -1.45
C ASP A 129 0.62 9.02 -2.27
N GLU A 130 0.35 8.73 -3.54
CA GLU A 130 -0.31 9.65 -4.46
C GLU A 130 0.50 10.94 -4.62
N ILE A 131 1.83 10.81 -4.76
CA ILE A 131 2.68 11.99 -4.92
C ILE A 131 2.39 12.68 -6.24
N ASP A 132 1.71 12.01 -7.17
CA ASP A 132 1.29 12.64 -8.41
C ASP A 132 0.30 13.77 -8.17
N THR A 133 -0.37 13.80 -7.02
CA THR A 133 -1.30 14.87 -6.73
C THR A 133 -0.56 16.16 -6.41
N LEU A 134 0.58 16.06 -5.73
CA LEU A 134 1.38 17.26 -5.43
C LEU A 134 1.76 17.99 -6.72
N GLY A 135 2.12 17.25 -7.76
CA GLY A 135 2.44 17.86 -9.04
C GLY A 135 2.24 16.91 -10.19
N GLU A 145 -5.16 28.68 -3.71
CA GLU A 145 -4.43 27.64 -2.99
C GLU A 145 -2.97 28.04 -2.78
N ALA A 146 -2.42 27.65 -1.63
CA ALA A 146 -1.02 27.92 -1.31
C ALA A 146 -0.37 26.69 -0.68
N SER A 147 -0.71 25.50 -1.20
CA SER A 147 -0.07 24.25 -0.75
C SER A 147 1.37 24.11 -1.26
N ARG A 148 1.87 25.21 -1.83
CA ARG A 148 3.30 25.38 -2.09
C ARG A 148 4.13 25.21 -0.84
N ARG A 149 3.50 25.29 0.34
CA ARG A 149 4.19 25.08 1.61
C ARG A 149 4.62 23.64 1.84
N VAL A 150 4.21 22.70 0.98
CA VAL A 150 4.59 21.29 1.12
C VAL A 150 4.98 20.73 -0.23
N LYS A 151 4.24 21.10 -1.27
CA LYS A 151 4.53 20.65 -2.63
C LYS A 151 5.94 21.02 -3.08
N SER A 152 6.62 21.88 -2.34
CA SER A 152 8.03 22.21 -2.54
C SER A 152 8.84 22.01 -1.27
N GLU A 153 8.24 22.22 -0.09
CA GLU A 153 8.94 21.96 1.17
C GLU A 153 9.42 20.52 1.24
N PHE A 154 8.75 19.61 0.54
CA PHE A 154 9.28 18.25 0.41
C PHE A 154 10.63 18.26 -0.30
N LEU A 155 10.74 19.02 -1.39
CA LEU A 155 11.97 19.02 -2.19
C LEU A 155 13.16 19.61 -1.43
N VAL A 156 12.92 20.59 -0.55
CA VAL A 156 14.04 21.15 0.20
C VAL A 156 14.41 20.27 1.38
N GLN A 157 13.42 19.65 2.03
CA GLN A 157 13.69 18.68 3.07
C GLN A 157 14.28 17.39 2.50
N ASP A 159 16.15 17.15 -0.67
CA ASP A 159 17.48 17.44 -1.21
C ASP A 159 18.51 17.65 -0.11
N GLY A 160 18.07 17.95 1.12
CA GLY A 160 18.97 18.08 2.25
C GLY A 160 19.14 16.80 3.03
N SER A 161 18.05 16.02 3.14
CA SER A 161 18.13 14.75 3.86
C SER A 161 19.03 13.73 3.18
N GLN A 162 19.24 13.88 1.87
CA GLN A 162 20.11 12.96 1.14
C GLN A 162 21.59 13.29 1.38
N ARG A 169 20.31 5.55 5.17
CA ARG A 169 19.92 6.45 6.25
C ARG A 169 18.43 6.75 6.21
N VAL A 170 18.00 7.50 5.20
CA VAL A 170 16.60 7.85 5.03
C VAL A 170 16.24 7.60 3.58
N PHE A 171 15.51 6.52 3.33
CA PHE A 171 15.02 6.16 2.01
C PHE A 171 13.58 6.64 1.87
N VAL A 172 13.28 7.27 0.74
CA VAL A 172 11.95 7.83 0.50
C VAL A 172 11.32 7.04 -0.64
N LEU A 173 10.38 6.18 -0.30
CA LEU A 173 9.59 5.46 -1.29
C LEU A 173 8.32 6.25 -1.56
N ALA A 174 8.02 6.49 -2.83
CA ALA A 174 6.84 7.23 -3.23
C ALA A 174 5.97 6.38 -4.14
N ALA A 175 4.67 6.66 -4.14
CA ALA A 175 3.71 5.88 -4.90
C ALA A 175 2.80 6.81 -5.69
N THR A 176 2.51 6.42 -6.94
CA THR A 176 1.60 7.15 -7.81
C THR A 176 0.76 6.16 -8.60
N ASN A 177 -0.54 6.45 -8.71
CA ASN A 177 -1.39 5.73 -9.65
C ASN A 177 -1.45 6.41 -11.01
N ILE A 178 -1.09 7.68 -11.09
CA ILE A 178 -0.99 8.40 -12.35
C ILE A 178 0.46 8.85 -12.52
N PRO A 179 1.31 8.04 -13.13
CA PRO A 179 2.74 8.36 -13.17
C PRO A 179 3.11 9.42 -14.18
N TRP A 180 2.30 9.59 -15.23
CA TRP A 180 2.61 10.62 -16.22
C TRP A 180 2.22 12.01 -15.73
N GLU A 181 1.23 12.11 -14.86
CA GLU A 181 0.87 13.39 -14.26
C GLU A 181 1.92 13.83 -13.25
N LEU A 182 3.08 13.19 -13.27
CA LEU A 182 4.22 13.56 -12.43
C LEU A 182 5.01 14.65 -13.16
N ASP A 183 5.04 15.84 -12.58
CA ASP A 183 5.77 16.95 -13.17
C ASP A 183 7.26 16.65 -13.22
N GLU A 184 7.98 17.41 -14.06
CA GLU A 184 9.42 17.22 -14.18
C GLU A 184 10.14 17.53 -12.88
N ALA A 185 9.60 18.44 -12.06
CA ALA A 185 10.25 18.78 -10.80
C ALA A 185 10.32 17.59 -9.86
N LEU A 186 9.37 16.67 -9.94
CA LEU A 186 9.41 15.45 -9.14
C LEU A 186 10.06 14.29 -9.88
N ARG A 187 9.91 14.23 -11.20
CA ARG A 187 10.63 13.24 -12.00
C ARG A 187 12.13 13.29 -11.75
N ARG A 188 12.65 14.48 -11.45
CA ARG A 188 14.08 14.63 -11.17
C ARG A 188 14.48 13.87 -9.91
N ARG A 189 13.77 14.12 -8.81
CA ARG A 189 14.16 13.60 -7.51
C ARG A 189 13.93 12.10 -7.36
N PHE A 190 13.19 11.47 -8.26
CA PHE A 190 12.88 10.05 -8.18
C PHE A 190 13.33 9.40 -9.49
N GLU A 191 14.62 9.10 -9.57
CA GLU A 191 15.19 8.56 -10.80
C GLU A 191 14.72 7.13 -11.04
N LYS A 192 14.77 6.28 -10.01
CA LYS A 192 14.36 4.89 -10.16
C LYS A 192 12.85 4.78 -10.11
N ARG A 193 12.27 4.12 -11.10
CA ARG A 193 10.83 3.93 -11.21
C ARG A 193 10.54 2.45 -11.38
N ILE A 194 9.81 1.88 -10.43
CA ILE A 194 9.42 0.47 -10.47
C ILE A 194 7.98 0.39 -10.92
N PHE A 195 7.73 -0.35 -11.99
CA PHE A 195 6.36 -0.61 -12.43
C PHE A 195 5.78 -1.75 -11.61
N ILE A 196 4.60 -1.52 -11.03
CA ILE A 196 3.92 -2.49 -10.21
C ILE A 196 2.70 -2.99 -10.98
N PRO A 197 2.66 -4.25 -11.42
CA PRO A 197 1.55 -4.72 -12.26
C PRO A 197 0.39 -5.28 -11.45
N LEU A 198 -0.59 -5.85 -12.16
CA LEU A 198 -1.76 -6.51 -11.62
C LEU A 198 -1.47 -7.98 -11.36
N PRO A 199 -2.06 -8.57 -10.32
CA PRO A 199 -1.81 -9.98 -10.03
C PRO A 199 -2.32 -10.87 -11.15
N ASP A 200 -1.47 -11.80 -11.58
CA ASP A 200 -1.83 -12.74 -12.62
C ASP A 200 -2.78 -13.81 -12.06
N ILE A 201 -3.19 -14.74 -12.92
CA ILE A 201 -4.18 -15.75 -12.55
C ILE A 201 -3.74 -16.51 -11.31
N ASP A 202 -2.45 -16.85 -11.24
CA ASP A 202 -1.96 -17.65 -10.12
C ASP A 202 -1.91 -16.84 -8.83
N ALA A 203 -1.42 -15.60 -8.91
CA ALA A 203 -1.38 -14.75 -7.72
C ALA A 203 -2.78 -14.39 -7.26
N ARG A 204 -3.73 -14.31 -8.19
CA ARG A 204 -5.12 -14.03 -7.82
C ARG A 204 -5.68 -15.15 -6.95
N LYS A 205 -5.50 -16.40 -7.39
CA LYS A 205 -6.00 -17.55 -6.64
C LYS A 205 -5.53 -17.52 -5.19
N LYS A 206 -4.21 -17.38 -4.98
CA LYS A 206 -3.69 -17.32 -3.63
C LYS A 206 -4.21 -16.11 -2.87
N LEU A 207 -4.51 -15.01 -3.59
CA LEU A 207 -5.08 -13.84 -2.94
C LEU A 207 -6.51 -14.10 -2.48
N ILE A 208 -7.30 -14.80 -3.30
CA ILE A 208 -8.66 -15.17 -2.90
C ILE A 208 -8.62 -16.10 -1.69
N GLU A 209 -7.80 -17.15 -1.77
CA GLU A 209 -7.68 -18.07 -0.66
C GLU A 209 -7.16 -17.38 0.60
N LYS A 210 -6.27 -16.41 0.43
CA LYS A 210 -5.75 -15.68 1.60
C LYS A 210 -6.83 -14.80 2.21
N SER A 211 -7.65 -14.15 1.38
CA SER A 211 -8.71 -13.31 1.92
C SER A 211 -9.82 -14.16 2.55
N GLU A 213 -9.50 -16.85 4.26
CA GLU A 213 -8.82 -17.74 5.19
C GLU A 213 -9.74 -18.25 6.31
N GLY A 214 -10.18 -17.36 7.20
CA GLY A 214 -10.97 -17.78 8.33
C GLY A 214 -12.46 -17.49 8.22
N THR A 215 -13.00 -17.62 7.01
CA THR A 215 -14.41 -17.34 6.78
C THR A 215 -15.16 -18.63 6.52
N PRO A 216 -16.25 -18.91 7.24
CA PRO A 216 -17.03 -20.11 6.98
C PRO A 216 -17.57 -20.11 5.56
N LYS A 217 -17.19 -21.13 4.80
CA LYS A 217 -17.55 -21.27 3.40
C LYS A 217 -17.74 -22.74 3.09
N SER A 218 -18.45 -23.02 2.01
CA SER A 218 -18.60 -24.39 1.55
C SER A 218 -17.35 -24.82 0.79
N ASP A 219 -16.95 -26.08 0.95
CA ASP A 219 -15.92 -26.66 0.10
C ASP A 219 -16.30 -26.68 -1.36
N GLU A 220 -17.58 -26.43 -1.66
CA GLU A 220 -18.09 -26.40 -3.03
C GLU A 220 -17.39 -25.34 -3.88
N ILE A 221 -16.83 -24.30 -3.26
CA ILE A 221 -16.18 -23.23 -4.00
C ILE A 221 -14.88 -23.73 -4.61
N ASN A 222 -14.63 -23.33 -5.85
CA ASN A 222 -13.38 -23.64 -6.54
C ASN A 222 -12.65 -22.33 -6.81
N TYR A 223 -11.48 -22.16 -6.22
CA TYR A 223 -10.72 -20.93 -6.31
C TYR A 223 -10.02 -20.76 -7.66
N ASP A 224 -10.10 -21.76 -8.53
CA ASP A 224 -9.52 -21.62 -9.87
C ASP A 224 -10.46 -20.85 -10.79
N ASP A 225 -11.75 -21.17 -10.75
CA ASP A 225 -12.73 -20.41 -11.53
C ASP A 225 -12.70 -18.94 -11.13
N LEU A 226 -12.64 -18.67 -9.83
CA LEU A 226 -12.58 -17.29 -9.36
C LEU A 226 -11.32 -16.61 -9.87
N ALA A 227 -10.17 -17.29 -9.80
CA ALA A 227 -8.94 -16.70 -10.30
C ALA A 227 -9.04 -16.39 -11.79
N ALA A 228 -9.78 -17.22 -12.54
CA ALA A 228 -9.92 -16.98 -13.97
C ALA A 228 -10.92 -15.86 -14.26
N ARG A 229 -12.04 -15.82 -13.53
CA ARG A 229 -13.09 -14.85 -13.82
C ARG A 229 -12.68 -13.42 -13.50
N THR A 230 -11.63 -13.23 -12.70
CA THR A 230 -11.27 -11.90 -12.21
C THR A 230 -10.03 -11.38 -12.95
N GLU A 231 -10.12 -11.28 -14.27
CA GLU A 231 -8.98 -10.94 -15.10
C GLU A 231 -8.31 -9.63 -14.71
N GLY A 232 -9.00 -8.51 -14.86
CA GLY A 232 -8.37 -7.22 -14.65
C GLY A 232 -8.33 -6.74 -13.21
N PHE A 233 -8.50 -7.67 -12.28
CA PHE A 233 -8.60 -7.31 -10.86
C PHE A 233 -7.23 -7.01 -10.26
N SER A 234 -7.23 -6.12 -9.28
CA SER A 234 -6.07 -5.88 -8.44
C SER A 234 -6.25 -6.58 -7.09
N GLY A 235 -5.20 -6.51 -6.27
CA GLY A 235 -5.28 -7.11 -4.95
C GLY A 235 -6.39 -6.52 -4.10
N ALA A 236 -6.63 -5.21 -4.23
CA ALA A 236 -7.73 -4.59 -3.50
C ALA A 236 -9.08 -4.99 -4.08
N ASP A 237 -9.14 -5.23 -5.40
CA ASP A 237 -10.39 -5.67 -6.01
C ASP A 237 -10.74 -7.09 -5.57
N VAL A 238 -9.72 -7.94 -5.41
CA VAL A 238 -9.97 -9.32 -5.00
C VAL A 238 -10.52 -9.36 -3.58
N VAL A 239 -9.87 -8.64 -2.66
CA VAL A 239 -10.37 -8.60 -1.29
C VAL A 239 -11.73 -7.89 -1.24
N SER A 240 -12.00 -6.99 -2.19
CA SER A 240 -13.32 -6.37 -2.25
C SER A 240 -14.35 -7.37 -2.77
N LEU A 241 -13.96 -8.21 -3.72
CA LEU A 241 -14.83 -9.30 -4.16
C LEU A 241 -15.13 -10.25 -3.00
N CYS A 242 -14.15 -10.48 -2.13
CA CYS A 242 -14.34 -11.41 -1.03
C CYS A 242 -15.25 -10.83 0.04
N ARG A 243 -15.07 -9.55 0.37
CA ARG A 243 -15.94 -8.89 1.34
C ARG A 243 -17.38 -8.86 0.85
N THR A 244 -17.57 -8.72 -0.46
CA THR A 244 -18.94 -8.66 -1.00
C THR A 244 -19.61 -10.02 -0.92
N ALA A 245 -18.90 -11.08 -1.33
CA ALA A 245 -19.47 -12.42 -1.25
C ALA A 245 -19.77 -12.80 0.19
N ALA A 246 -18.93 -12.38 1.14
CA ALA A 246 -19.17 -12.70 2.53
C ALA A 246 -20.45 -12.03 3.03
N ILE A 247 -20.71 -10.79 2.60
CA ILE A 247 -21.91 -10.08 3.03
C ILE A 247 -23.13 -10.40 2.17
N ASN A 248 -22.93 -10.98 0.98
CA ASN A 248 -24.07 -11.45 0.19
C ASN A 248 -24.85 -12.52 0.93
N VAL A 249 -24.20 -13.21 1.87
CA VAL A 249 -24.90 -14.15 2.75
C VAL A 249 -26.01 -13.43 3.50
N LEU A 250 -25.72 -12.22 3.99
CA LEU A 250 -26.76 -11.41 4.63
C LEU A 250 -27.85 -11.01 3.65
N ARG A 251 -27.47 -10.67 2.41
CA ARG A 251 -28.47 -10.29 1.41
C ARG A 251 -29.35 -11.46 1.04
N ARG A 252 -28.78 -12.65 0.94
CA ARG A 252 -29.51 -13.87 0.62
C ARG A 252 -30.55 -14.22 1.67
N TYR A 253 -30.52 -13.56 2.83
CA TYR A 253 -31.42 -13.85 3.93
C TYR A 253 -32.74 -13.11 3.78
N ASP A 254 -33.76 -13.63 4.45
CA ASP A 254 -35.04 -12.95 4.54
C ASP A 254 -34.90 -11.74 5.45
N THR A 255 -35.25 -10.55 4.93
CA THR A 255 -34.99 -9.31 5.65
C THR A 255 -35.83 -9.21 6.91
N LYS A 256 -37.13 -9.49 6.82
CA LYS A 256 -38.03 -9.26 7.95
C LYS A 256 -37.63 -10.07 9.18
N SER A 257 -37.04 -11.25 8.98
CA SER A 257 -36.62 -12.05 10.12
C SER A 257 -35.47 -11.40 10.89
N LEU A 258 -34.66 -10.58 10.20
CA LEU A 258 -33.49 -9.95 10.82
C LEU A 258 -33.80 -8.56 11.37
N ARG A 259 -35.06 -8.26 11.66
CA ARG A 259 -35.43 -6.93 12.13
C ARG A 259 -35.45 -6.89 13.66
N GLY A 260 -35.60 -5.68 14.18
CA GLY A 260 -35.66 -5.47 15.62
C GLY A 260 -34.29 -5.17 16.21
N GLY A 261 -34.32 -4.54 17.38
CA GLY A 261 -33.13 -4.29 18.15
C GLY A 261 -32.79 -5.37 19.15
N GLU A 262 -33.63 -6.40 19.27
CA GLU A 262 -33.41 -7.53 20.16
C GLU A 262 -32.94 -8.73 19.35
N LEU A 263 -32.12 -9.58 19.97
CA LEU A 263 -31.57 -10.74 19.29
C LEU A 263 -32.65 -11.77 18.97
N THR A 264 -32.66 -12.25 17.73
CA THR A 264 -33.67 -13.24 17.36
C THR A 264 -32.98 -14.51 16.87
N ALA A 265 -33.76 -15.59 16.85
CA ALA A 265 -33.22 -16.87 16.39
C ALA A 265 -32.69 -16.78 14.97
N ALA A 266 -33.26 -15.90 14.14
CA ALA A 266 -32.79 -15.75 12.77
C ALA A 266 -31.36 -15.24 12.73
N GLU A 268 -29.20 -15.66 15.06
CA GLU A 268 -28.41 -16.81 15.50
C GLU A 268 -28.10 -17.73 14.32
N SER A 269 -29.04 -17.86 13.38
CA SER A 269 -28.79 -18.68 12.20
C SER A 269 -27.81 -18.01 11.24
N LEU A 270 -27.72 -16.69 11.28
CA LEU A 270 -26.80 -15.96 10.41
C LEU A 270 -25.36 -16.42 10.62
N LYS A 271 -25.01 -16.80 11.85
CA LYS A 271 -23.63 -17.19 12.15
C LYS A 271 -23.26 -18.49 11.46
N ALA A 272 -24.15 -19.49 11.50
CA ALA A 272 -23.88 -20.78 10.89
C ALA A 272 -23.74 -20.71 9.38
N GLU A 273 -24.08 -19.59 8.76
CA GLU A 273 -24.10 -19.50 7.30
C GLU A 273 -22.71 -19.55 6.72
N LEU A 274 -22.57 -20.30 5.62
CA LEU A 274 -21.34 -20.39 4.85
C LEU A 274 -21.46 -19.53 3.60
N VAL A 275 -20.31 -19.02 3.16
CA VAL A 275 -20.23 -18.35 1.87
C VAL A 275 -20.28 -19.42 0.78
N ARG A 276 -21.18 -19.24 -0.18
CA ARG A 276 -21.42 -20.24 -1.22
C ARG A 276 -20.92 -19.72 -2.56
N ASN A 277 -21.05 -20.55 -3.60
CA ASN A 277 -20.72 -20.11 -4.95
C ASN A 277 -21.62 -18.98 -5.39
N ILE A 278 -22.91 -19.06 -5.02
CA ILE A 278 -23.86 -18.01 -5.30
C ILE A 278 -23.38 -16.67 -4.78
N ASP A 279 -22.70 -16.66 -3.64
CA ASP A 279 -22.28 -15.39 -3.04
C ASP A 279 -21.18 -14.76 -3.87
N PHE A 280 -20.26 -15.57 -4.40
CA PHE A 280 -19.26 -15.04 -5.32
C PHE A 280 -19.90 -14.64 -6.65
N GLU A 281 -20.87 -15.43 -7.11
CA GLU A 281 -21.56 -15.09 -8.36
C GLU A 281 -22.21 -13.71 -8.28
N ALA A 282 -22.93 -13.46 -7.17
CA ALA A 282 -23.50 -12.12 -6.96
C ALA A 282 -22.39 -11.08 -6.88
N ALA A 283 -21.35 -11.35 -6.10
CA ALA A 283 -20.25 -10.41 -5.96
C ALA A 283 -19.51 -10.22 -7.28
N LEU A 284 -19.41 -11.28 -8.09
CA LEU A 284 -18.72 -11.18 -9.37
C LEU A 284 -19.44 -10.24 -10.33
N GLN A 285 -20.76 -10.17 -10.22
CA GLN A 285 -21.56 -9.23 -10.99
C GLN A 285 -21.66 -7.86 -10.33
N ALA A 286 -21.17 -7.72 -9.10
CA ALA A 286 -21.21 -6.46 -8.38
C ALA A 286 -19.91 -5.67 -8.52
N VAL A 287 -18.81 -6.22 -8.03
CA VAL A 287 -17.53 -5.53 -8.10
C VAL A 287 -16.95 -5.72 -9.49
N SER A 288 -16.28 -4.68 -10.00
CA SER A 288 -15.65 -4.69 -11.29
C SER A 288 -14.26 -4.08 -11.17
N PRO A 289 -13.32 -4.50 -12.00
CA PRO A 289 -11.94 -4.01 -11.86
C PRO A 289 -11.85 -2.49 -12.01
N SER A 290 -11.15 -1.87 -11.06
CA SER A 290 -10.92 -0.43 -11.10
C SER A 290 -9.69 -0.05 -11.92
N ALA A 291 -8.92 -1.02 -12.40
CA ALA A 291 -7.75 -0.75 -13.20
C ALA A 291 -8.16 -0.77 -14.67
N GLY A 292 -8.34 0.41 -15.25
CA GLY A 292 -8.72 0.55 -16.64
C GLY A 292 -7.72 -0.10 -17.57
N PRO A 293 -8.16 -0.44 -18.79
CA PRO A 293 -7.27 -1.15 -19.74
C PRO A 293 -6.00 -0.39 -20.05
N ASP A 294 -6.11 0.75 -20.75
CA ASP A 294 -4.94 1.53 -21.13
C ASP A 294 -4.25 2.19 -19.95
N THR A 295 -4.74 2.01 -18.73
CA THR A 295 -4.17 2.69 -17.58
C THR A 295 -2.96 1.95 -17.01
N LEU A 297 -0.78 0.27 -18.95
CA LEU A 297 0.29 0.61 -19.88
C LEU A 297 0.79 2.04 -19.65
N LYS A 298 -0.09 2.92 -19.17
CA LYS A 298 0.30 4.28 -18.80
C LYS A 298 1.48 4.28 -17.84
N CYS A 299 1.56 3.27 -16.96
CA CYS A 299 2.68 3.12 -16.05
C CYS A 299 3.82 2.33 -16.68
N LYS A 300 3.51 1.32 -17.50
CA LYS A 300 4.55 0.47 -18.07
C LYS A 300 5.47 1.26 -18.99
N GLU A 301 4.88 2.09 -19.87
CA GLU A 301 5.68 2.89 -20.78
C GLU A 301 6.36 4.05 -20.07
N TRP A 302 5.69 4.63 -19.07
CA TRP A 302 6.27 5.76 -18.35
C TRP A 302 7.52 5.34 -17.58
N CYS A 303 7.56 4.11 -17.07
CA CYS A 303 8.75 3.62 -16.38
C CYS A 303 9.91 3.37 -17.33
N ASP A 304 9.76 3.67 -18.62
CA ASP A 304 10.84 3.58 -19.59
C ASP A 304 11.19 4.91 -20.24
N SER A 305 10.33 5.92 -20.14
CA SER A 305 10.60 7.23 -20.74
C SER A 305 10.21 8.36 -19.79
#